data_9ITA
#
_entry.id   9ITA
#
_cell.length_a   115.343
_cell.length_b   115.343
_cell.length_c   113.362
_cell.angle_alpha   90.00
_cell.angle_beta   90.00
_cell.angle_gamma   120.00
#
_symmetry.space_group_name_H-M   'P 65'
#
loop_
_entity.id
_entity.type
_entity.pdbx_description
1 polymer 'Bifunctional methylenetetrahydrofolate dehydrogenase/cyclohydrolase, mitochondrial'
2 non-polymer '(2~{S})-2-[[4-[[2,4-bis(azanyl)-6-oxidanylidene-1~{H}-pyrimidin-5-yl]carbamoylamino]-3-methyl-phenyl]carbonylamino]pentanedioic acid'
3 non-polymer NICOTINAMIDE-ADENINE-DINUCLEOTIDE
4 non-polymer 'PHOSPHATE ION'
5 water water
#
_entity_poly.entity_id   1
_entity_poly.type   'polypeptide(L)'
_entity_poly.pdbx_seq_one_letter_code
;GSHMEAVVISGRKLAQQIKQEVRQEVEEWVASGNKRPHLSVILVGENPASHSYVLNKTRAAAVVGINSETIMKPASISEE
ELLNLINKLNNDDNVDGLLVQLPLPEHIDERRICNAVSPDKDVDGFHVINVGRMCLDQYSMLPATPWGVWEIIKRTGIPT
LGKNVVVAGRSKNVGMPIAMLLHTDGAHERPGGDATVTISHRYTPKEQLKKHTILADIVISAAGIPNLITADMIKEGAAV
IDVGINRVHDPVTAKPKLVGDVDFEGVRQKAGYITPVPGGVGPMTVAMLMKNTIIAAKKVLRLEEREVLKSKELGVATN
;
_entity_poly.pdbx_strand_id   A,B
#
loop_
_chem_comp.id
_chem_comp.type
_chem_comp.name
_chem_comp.formula
A1L25 non-polymer '(2~{S})-2-[[4-[[2,4-bis(azanyl)-6-oxidanylidene-1~{H}-pyrimidin-5-yl]carbamoylamino]-3-methyl-phenyl]carbonylamino]pentanedioic acid' 'C18 H21 N7 O7'
NAD non-polymer NICOTINAMIDE-ADENINE-DINUCLEOTIDE 'C21 H27 N7 O14 P2'
PO4 non-polymer 'PHOSPHATE ION' 'O4 P -3'
#
# COMPACT_ATOMS: atom_id res chain seq x y z
N GLU A 5 31.55 -2.20 -18.30
CA GLU A 5 31.25 -1.91 -16.89
C GLU A 5 29.97 -1.08 -16.75
N ALA A 6 29.43 -1.01 -15.52
CA ALA A 6 28.16 -0.34 -15.26
C ALA A 6 28.29 1.19 -15.22
N VAL A 7 27.30 1.88 -15.78
CA VAL A 7 27.17 3.31 -15.54
C VAL A 7 26.87 3.56 -14.07
N VAL A 8 27.74 4.30 -13.40
CA VAL A 8 27.52 4.68 -12.00
C VAL A 8 26.74 5.99 -12.00
N ILE A 9 25.50 5.94 -11.49
CA ILE A 9 24.65 7.12 -11.42
C ILE A 9 25.04 7.91 -10.18
N SER A 10 25.37 9.18 -10.36
CA SER A 10 25.77 10.04 -9.24
C SER A 10 24.51 10.66 -8.63
N GLY A 11 24.06 10.13 -7.50
CA GLY A 11 22.97 10.76 -6.79
C GLY A 11 23.33 12.15 -6.29
N ARG A 12 24.60 12.34 -5.95
CA ARG A 12 25.08 13.65 -5.55
C ARG A 12 24.88 14.68 -6.65
N LYS A 13 25.22 14.31 -7.89
CA LYS A 13 25.10 15.26 -9.00
C LYS A 13 23.63 15.59 -9.29
N LEU A 14 22.80 14.57 -9.45
CA LEU A 14 21.38 14.78 -9.72
C LEU A 14 20.73 15.64 -8.65
N ALA A 15 20.98 15.33 -7.37
CA ALA A 15 20.38 16.08 -6.28
C ALA A 15 20.75 17.56 -6.35
N GLN A 16 22.00 17.88 -6.70
CA GLN A 16 22.39 19.29 -6.79
C GLN A 16 21.74 19.98 -8.00
N GLN A 17 21.56 19.27 -9.10
CA GLN A 17 20.74 19.81 -10.17
C GLN A 17 19.35 20.17 -9.67
N ILE A 18 18.67 19.20 -9.04
CA ILE A 18 17.30 19.39 -8.55
C ILE A 18 17.25 20.52 -7.54
N LYS A 19 18.25 20.58 -6.65
CA LYS A 19 18.31 21.70 -5.73
C LYS A 19 18.36 23.02 -6.47
N GLN A 20 19.08 23.07 -7.61
CA GLN A 20 19.13 24.29 -8.41
C GLN A 20 17.74 24.65 -8.93
N GLU A 21 17.00 23.67 -9.45
CA GLU A 21 15.63 23.95 -9.88
C GLU A 21 14.77 24.45 -8.73
N VAL A 22 14.90 23.85 -7.55
CA VAL A 22 14.12 24.33 -6.40
C VAL A 22 14.51 25.77 -6.07
N ARG A 23 15.81 26.05 -6.04
CA ARG A 23 16.28 27.41 -5.76
C ARG A 23 15.65 28.44 -6.70
N GLN A 24 15.64 28.16 -8.01
CA GLN A 24 15.02 29.08 -8.97
C GLN A 24 13.53 29.24 -8.69
N GLU A 25 12.85 28.15 -8.36
CA GLU A 25 11.43 28.22 -8.05
C GLU A 25 11.16 29.01 -6.76
N VAL A 26 12.05 28.96 -5.78
CA VAL A 26 11.86 29.71 -4.54
C VAL A 26 12.04 31.20 -4.80
N GLU A 27 13.14 31.56 -5.47
CA GLU A 27 13.42 32.97 -5.75
C GLU A 27 12.28 33.62 -6.54
N GLU A 28 11.68 32.88 -7.49
CA GLU A 28 10.53 33.39 -8.23
C GLU A 28 9.31 33.54 -7.34
N TRP A 29 9.07 32.53 -6.48
CA TRP A 29 8.00 32.63 -5.49
C TRP A 29 8.19 33.84 -4.59
N VAL A 30 9.42 34.10 -4.15
CA VAL A 30 9.70 35.28 -3.33
C VAL A 30 9.60 36.55 -4.16
N ALA A 31 10.17 36.56 -5.37
CA ALA A 31 10.10 37.77 -6.21
C ALA A 31 8.66 38.14 -6.55
N SER A 32 7.73 37.18 -6.53
CA SER A 32 6.33 37.47 -6.80
C SER A 32 5.60 38.05 -5.61
N GLY A 33 6.29 38.32 -4.50
CA GLY A 33 5.63 38.88 -3.33
C GLY A 33 5.03 37.82 -2.42
N ASN A 34 5.79 36.76 -2.17
CA ASN A 34 5.39 35.73 -1.22
C ASN A 34 6.43 35.60 -0.13
N LYS A 35 5.98 35.11 1.02
CA LYS A 35 6.90 34.89 2.14
C LYS A 35 7.92 33.84 1.73
N ARG A 36 9.18 34.05 2.12
CA ARG A 36 10.19 33.04 1.87
C ARG A 36 9.80 31.75 2.59
N PRO A 37 10.01 30.59 1.99
CA PRO A 37 9.60 29.33 2.63
C PRO A 37 10.43 29.03 3.86
N HIS A 38 9.81 28.33 4.82
CA HIS A 38 10.47 27.96 6.06
C HIS A 38 10.17 26.52 6.44
N LEU A 39 11.23 25.77 6.71
CA LEU A 39 11.18 24.36 7.07
C LEU A 39 11.59 24.22 8.53
N SER A 40 10.80 23.50 9.32
CA SER A 40 11.16 23.15 10.69
C SER A 40 11.39 21.65 10.80
N VAL A 41 12.58 21.28 11.29
CA VAL A 41 12.95 19.89 11.59
C VAL A 41 13.01 19.70 13.09
N ILE A 42 12.29 18.70 13.60
CA ILE A 42 12.34 18.36 15.01
C ILE A 42 13.23 17.15 15.18
N LEU A 43 14.27 17.28 16.00
CA LEU A 43 15.18 16.16 16.25
C LEU A 43 15.13 15.77 17.72
N VAL A 44 14.89 14.50 17.99
CA VAL A 44 14.80 13.96 19.35
C VAL A 44 15.99 13.04 19.60
N GLY A 45 16.73 13.29 20.68
CA GLY A 45 17.82 12.37 21.02
C GLY A 45 19.09 12.65 20.25
N GLU A 46 20.01 11.70 20.31
CA GLU A 46 21.36 11.92 19.80
C GLU A 46 21.83 10.79 18.89
N ASN A 47 20.94 10.18 18.15
CA ASN A 47 21.38 9.23 17.14
C ASN A 47 22.30 9.99 16.17
N PRO A 48 23.56 9.59 16.02
CA PRO A 48 24.47 10.41 15.19
C PRO A 48 24.11 10.38 13.71
N ALA A 49 23.63 9.23 13.20
CA ALA A 49 23.13 9.20 11.83
C ALA A 49 21.98 10.18 11.65
N SER A 50 21.07 10.27 12.62
CA SER A 50 19.99 11.24 12.52
C SER A 50 20.53 12.66 12.52
N HIS A 51 21.54 12.93 13.35
CA HIS A 51 22.07 14.28 13.41
C HIS A 51 22.74 14.66 12.10
N SER A 52 23.50 13.73 11.52
CA SER A 52 24.15 13.97 10.24
C SER A 52 23.11 14.24 9.15
N TYR A 53 22.02 13.45 9.12
CA TYR A 53 21.03 13.62 8.06
C TYR A 53 20.24 14.92 8.20
N VAL A 54 19.91 15.31 9.43
CA VAL A 54 19.19 16.56 9.59
C VAL A 54 20.10 17.73 9.24
N LEU A 55 21.40 17.60 9.52
CA LEU A 55 22.32 18.64 9.11
C LEU A 55 22.34 18.78 7.59
N ASN A 56 22.35 17.65 6.88
CA ASN A 56 22.27 17.71 5.43
C ASN A 56 20.97 18.34 4.96
N LYS A 57 19.85 18.11 5.67
CA LYS A 57 18.61 18.74 5.26
C LYS A 57 18.66 20.24 5.46
N THR A 58 19.18 20.70 6.59
CA THR A 58 19.18 22.15 6.83
C THR A 58 20.21 22.86 5.94
N ARG A 59 21.28 22.16 5.54
CA ARG A 59 22.19 22.73 4.55
C ARG A 59 21.49 22.90 3.22
N ALA A 60 20.81 21.86 2.76
CA ALA A 60 20.10 21.98 1.49
C ALA A 60 19.06 23.10 1.54
N ALA A 61 18.37 23.24 2.68
CA ALA A 61 17.45 24.36 2.83
C ALA A 61 18.15 25.67 2.54
N ALA A 62 19.30 25.91 3.18
CA ALA A 62 19.99 27.18 3.01
C ALA A 62 20.41 27.37 1.56
N VAL A 63 20.96 26.33 0.93
CA VAL A 63 21.40 26.40 -0.46
C VAL A 63 20.25 26.83 -1.38
N VAL A 64 19.04 26.30 -1.15
CA VAL A 64 17.94 26.59 -2.07
C VAL A 64 17.15 27.83 -1.66
N GLY A 65 17.64 28.57 -0.66
CA GLY A 65 16.93 29.77 -0.25
C GLY A 65 15.69 29.55 0.58
N ILE A 66 15.64 28.43 1.31
CA ILE A 66 14.54 28.15 2.23
C ILE A 66 15.06 28.37 3.63
N ASN A 67 14.34 29.17 4.41
CA ASN A 67 14.69 29.31 5.82
C ASN A 67 14.43 27.99 6.55
N SER A 68 15.24 27.70 7.58
CA SER A 68 15.11 26.46 8.32
C SER A 68 15.53 26.68 9.76
N GLU A 69 15.12 25.74 10.60
CA GLU A 69 15.60 25.61 11.97
C GLU A 69 15.51 24.15 12.35
N THR A 70 16.49 23.68 13.11
CA THR A 70 16.40 22.38 13.74
C THR A 70 16.09 22.60 15.20
N ILE A 71 15.06 21.93 15.69
CA ILE A 71 14.71 22.01 17.10
C ILE A 71 15.08 20.66 17.70
N MET A 72 16.09 20.68 18.56
CA MET A 72 16.60 19.47 19.16
C MET A 72 16.03 19.33 20.57
N LYS A 73 15.58 18.12 20.90
CA LYS A 73 15.01 17.79 22.19
C LYS A 73 15.67 16.52 22.72
N PRO A 74 15.83 16.41 24.04
CA PRO A 74 16.39 15.16 24.59
C PRO A 74 15.45 14.01 24.39
N ALA A 75 16.01 12.80 24.35
CA ALA A 75 15.20 11.61 24.18
C ALA A 75 14.22 11.39 25.31
N SER A 76 14.41 12.02 26.46
CA SER A 76 13.58 11.74 27.62
C SER A 76 12.30 12.56 27.64
N ILE A 77 12.03 13.32 26.58
CA ILE A 77 10.78 14.08 26.52
C ILE A 77 9.59 13.14 26.36
N SER A 78 8.44 13.63 26.76
CA SER A 78 7.23 12.84 26.69
C SER A 78 6.52 13.06 25.37
N GLU A 79 5.74 12.06 24.98
CA GLU A 79 4.87 12.18 23.83
C GLU A 79 4.03 13.44 23.88
N GLU A 80 3.44 13.74 25.05
CA GLU A 80 2.62 14.95 25.12
C GLU A 80 3.43 16.21 24.83
N GLU A 81 4.70 16.23 25.27
CA GLU A 81 5.51 17.43 25.06
C GLU A 81 5.87 17.61 23.59
N LEU A 82 6.10 16.51 22.88
CA LEU A 82 6.34 16.57 21.46
C LEU A 82 5.11 17.08 20.72
N LEU A 83 3.92 16.63 21.15
CA LEU A 83 2.68 17.06 20.51
C LEU A 83 2.39 18.52 20.79
N ASN A 84 2.70 19.00 22.01
CA ASN A 84 2.53 20.42 22.26
C ASN A 84 3.37 21.23 21.29
N LEU A 85 4.63 20.82 21.11
CA LEU A 85 5.53 21.51 20.20
C LEU A 85 5.04 21.43 18.77
N ILE A 86 4.53 20.25 18.38
CA ILE A 86 4.06 20.08 17.01
C ILE A 86 2.84 20.95 16.76
N ASN A 87 1.89 20.96 17.70
CA ASN A 87 0.72 21.83 17.58
C ASN A 87 1.13 23.29 17.48
N LYS A 88 2.17 23.67 18.22
CA LYS A 88 2.68 25.04 18.15
C LYS A 88 3.07 25.38 16.73
N LEU A 89 3.91 24.53 16.12
CA LEU A 89 4.38 24.76 14.77
C LEU A 89 3.27 24.63 13.73
N ASN A 90 2.28 23.76 13.95
CA ASN A 90 1.14 23.71 13.03
C ASN A 90 0.45 25.06 12.95
N ASN A 91 0.50 25.82 14.05
CA ASN A 91 -0.19 27.08 14.21
C ASN A 91 0.67 28.30 13.92
N ASP A 92 1.92 28.08 13.51
CA ASP A 92 2.85 29.15 13.19
C ASP A 92 2.79 29.39 11.67
N ASP A 93 2.14 30.49 11.27
CA ASP A 93 2.00 30.85 9.85
C ASP A 93 3.35 31.03 9.15
N ASN A 94 4.42 31.34 9.88
CA ASN A 94 5.75 31.38 9.30
C ASN A 94 6.26 30.01 8.87
N VAL A 95 5.73 28.92 9.44
CA VAL A 95 6.25 27.58 9.21
C VAL A 95 5.50 26.94 8.05
N ASP A 96 6.21 26.61 6.97
CA ASP A 96 5.61 26.02 5.79
C ASP A 96 5.65 24.51 5.83
N GLY A 97 6.83 23.95 6.10
CA GLY A 97 7.00 22.53 6.24
C GLY A 97 7.43 22.19 7.65
N LEU A 98 7.06 21.00 8.08
CA LEU A 98 7.33 20.53 9.42
C LEU A 98 7.60 19.04 9.34
N LEU A 99 8.75 18.60 9.83
CA LEU A 99 8.99 17.17 9.86
C LEU A 99 9.62 16.79 11.19
N VAL A 100 9.35 15.56 11.63
CA VAL A 100 9.93 15.00 12.84
C VAL A 100 10.85 13.87 12.43
N GLN A 101 12.14 14.04 12.66
CA GLN A 101 13.12 13.04 12.22
C GLN A 101 12.92 11.74 13.01
N LEU A 102 12.83 10.60 12.26
CA LEU A 102 12.67 9.23 12.71
C LEU A 102 14.01 8.51 12.75
N PRO A 103 14.20 7.50 13.63
CA PRO A 103 13.23 6.95 14.60
C PRO A 103 13.14 7.76 15.86
N LEU A 104 12.00 7.67 16.54
CA LEU A 104 11.75 8.28 17.83
C LEU A 104 11.97 7.27 18.95
N PRO A 105 12.16 7.71 20.20
CA PRO A 105 12.34 6.76 21.32
C PRO A 105 11.09 5.89 21.52
N GLU A 106 11.31 4.73 22.15
CA GLU A 106 10.28 3.70 22.19
C GLU A 106 9.00 4.19 22.86
N HIS A 107 9.09 5.12 23.81
CA HIS A 107 7.89 5.63 24.46
C HIS A 107 7.13 6.66 23.65
N ILE A 108 7.61 7.02 22.46
CA ILE A 108 6.88 7.96 21.59
C ILE A 108 6.26 7.14 20.46
N ASP A 109 4.94 7.22 20.34
CA ASP A 109 4.27 6.53 19.25
C ASP A 109 4.48 7.32 17.95
N GLU A 110 5.34 6.76 17.07
CA GLU A 110 5.66 7.36 15.77
C GLU A 110 4.41 7.70 14.96
N ARG A 111 3.46 6.79 14.93
CA ARG A 111 2.24 6.97 14.15
C ARG A 111 1.46 8.17 14.64
N ARG A 112 1.29 8.28 15.97
CA ARG A 112 0.55 9.42 16.50
C ARG A 112 1.27 10.73 16.20
N ILE A 113 2.61 10.71 16.19
CA ILE A 113 3.39 11.93 15.92
C ILE A 113 3.24 12.35 14.45
N CYS A 114 3.42 11.40 13.52
CA CYS A 114 3.32 11.75 12.10
C CYS A 114 1.91 12.23 11.77
N ASN A 115 0.90 11.68 12.43
CA ASN A 115 -0.45 12.14 12.19
C ASN A 115 -0.72 13.48 12.86
N ALA A 116 0.14 13.89 13.78
CA ALA A 116 -0.04 15.17 14.45
C ALA A 116 0.42 16.34 13.60
N VAL A 117 1.25 16.10 12.58
CA VAL A 117 1.71 17.17 11.71
C VAL A 117 0.59 17.53 10.76
N SER A 118 0.24 18.81 10.71
CA SER A 118 -0.79 19.25 9.79
C SER A 118 -0.49 18.70 8.39
N PRO A 119 -1.47 18.07 7.72
CA PRO A 119 -1.18 17.43 6.41
C PRO A 119 -0.66 18.40 5.38
N ASP A 120 -1.03 19.68 5.50
CA ASP A 120 -0.51 20.64 4.53
C ASP A 120 0.95 20.99 4.79
N LYS A 121 1.43 20.86 6.03
CA LYS A 121 2.84 21.03 6.33
C LYS A 121 3.62 19.74 6.31
N ASP A 122 2.97 18.64 5.92
CA ASP A 122 3.53 17.29 6.06
C ASP A 122 4.46 16.98 4.89
N VAL A 123 5.63 17.63 4.90
CA VAL A 123 6.60 17.44 3.82
C VAL A 123 7.21 16.04 3.77
N ASP A 124 7.04 15.23 4.82
CA ASP A 124 7.49 13.84 4.75
C ASP A 124 6.53 12.93 4.02
N GLY A 125 5.29 13.36 3.78
CA GLY A 125 4.27 12.44 3.30
C GLY A 125 3.96 11.30 4.25
N PHE A 126 4.06 11.53 5.56
CA PHE A 126 3.90 10.46 6.54
C PHE A 126 2.53 10.45 7.20
N HIS A 127 1.75 11.52 7.03
CA HIS A 127 0.41 11.56 7.61
C HIS A 127 -0.46 10.49 6.96
N VAL A 128 -1.34 9.85 7.75
CA VAL A 128 -2.11 8.70 7.26
C VAL A 128 -2.92 9.08 6.02
N ILE A 129 -3.33 10.34 5.90
CA ILE A 129 -4.07 10.77 4.71
C ILE A 129 -3.17 10.79 3.49
N ASN A 130 -1.93 11.28 3.62
CA ASN A 130 -1.00 11.24 2.49
C ASN A 130 -0.66 9.82 2.11
N VAL A 131 -0.51 8.94 3.11
CA VAL A 131 -0.26 7.53 2.81
C VAL A 131 -1.46 6.95 2.10
N GLY A 132 -2.66 7.24 2.60
CA GLY A 132 -3.85 6.71 1.97
C GLY A 132 -3.98 7.18 0.54
N ARG A 133 -3.76 8.47 0.31
CA ARG A 133 -3.90 9.01 -1.04
C ARG A 133 -2.82 8.48 -1.98
N MET A 134 -1.58 8.33 -1.48
CA MET A 134 -0.56 7.70 -2.31
C MET A 134 -0.95 6.29 -2.71
N CYS A 135 -1.51 5.51 -1.77
CA CYS A 135 -1.86 4.12 -2.05
C CYS A 135 -3.07 4.01 -2.97
N LEU A 136 -3.83 5.08 -3.13
CA LEU A 136 -4.90 5.14 -4.11
C LEU A 136 -4.50 5.91 -5.36
N ASP A 137 -3.21 6.20 -5.54
CA ASP A 137 -2.70 6.88 -6.74
C ASP A 137 -3.30 8.27 -6.92
N GLN A 138 -3.80 8.88 -5.84
CA GLN A 138 -4.23 10.26 -5.87
C GLN A 138 -3.01 11.17 -5.69
N TYR A 139 -3.21 12.48 -5.97
CA TYR A 139 -2.17 13.46 -5.67
C TYR A 139 -1.88 13.47 -4.18
N SER A 140 -0.60 13.57 -3.83
CA SER A 140 -0.22 13.51 -2.43
C SER A 140 1.20 14.05 -2.29
N MET A 141 1.57 14.38 -1.07
CA MET A 141 2.99 14.56 -0.74
C MET A 141 3.65 13.21 -0.76
N LEU A 142 4.49 12.95 -1.74
CA LEU A 142 5.25 11.70 -1.73
C LEU A 142 6.36 11.79 -0.70
N PRO A 143 6.65 10.71 0.01
CA PRO A 143 7.80 10.69 0.92
C PRO A 143 9.11 10.76 0.13
N ALA A 144 10.15 11.27 0.79
CA ALA A 144 11.29 11.83 0.05
C ALA A 144 12.15 10.73 -0.57
N THR A 145 12.56 9.74 0.23
CA THR A 145 13.42 8.70 -0.30
C THR A 145 12.75 7.92 -1.43
N PRO A 146 11.50 7.46 -1.31
CA PRO A 146 10.89 6.80 -2.48
C PRO A 146 10.81 7.71 -3.71
N TRP A 147 10.52 9.00 -3.51
CA TRP A 147 10.51 9.93 -4.65
C TRP A 147 11.90 10.11 -5.25
N GLY A 148 12.93 10.19 -4.41
CA GLY A 148 14.29 10.18 -4.94
C GLY A 148 14.65 8.93 -5.73
N VAL A 149 14.21 7.74 -5.26
CA VAL A 149 14.44 6.52 -6.04
C VAL A 149 13.72 6.63 -7.39
N TRP A 150 12.49 7.18 -7.38
CA TRP A 150 11.74 7.34 -8.62
C TRP A 150 12.45 8.30 -9.56
N GLU A 151 12.98 9.42 -9.04
CA GLU A 151 13.62 10.41 -9.89
C GLU A 151 14.91 9.87 -10.49
N ILE A 152 15.70 9.14 -9.69
CA ILE A 152 16.90 8.48 -10.21
C ILE A 152 16.55 7.66 -11.44
N ILE A 153 15.48 6.88 -11.35
CA ILE A 153 15.06 6.03 -12.46
C ILE A 153 14.57 6.89 -13.62
N LYS A 154 13.65 7.81 -13.35
CA LYS A 154 13.06 8.56 -14.46
C LYS A 154 14.08 9.52 -15.09
N ARG A 155 14.89 10.20 -14.28
CA ARG A 155 15.81 11.17 -14.87
C ARG A 155 16.96 10.50 -15.62
N THR A 156 17.18 9.21 -15.42
CA THR A 156 18.17 8.46 -16.17
C THR A 156 17.57 7.72 -17.37
N GLY A 157 16.26 7.83 -17.60
CA GLY A 157 15.70 7.17 -18.75
C GLY A 157 15.56 5.67 -18.65
N ILE A 158 15.75 5.09 -17.46
CA ILE A 158 15.61 3.64 -17.25
C ILE A 158 14.13 3.28 -17.32
N PRO A 159 13.72 2.44 -18.26
CA PRO A 159 12.28 2.21 -18.44
C PRO A 159 11.71 1.26 -17.40
N THR A 160 10.43 1.45 -17.09
CA THR A 160 9.76 0.63 -16.10
C THR A 160 8.54 -0.14 -16.59
N LEU A 161 7.86 0.31 -17.64
CA LEU A 161 6.59 -0.32 -18.01
C LEU A 161 6.82 -1.75 -18.49
N GLY A 162 6.11 -2.69 -17.87
CA GLY A 162 6.26 -4.10 -18.17
C GLY A 162 7.55 -4.71 -17.70
N LYS A 163 8.37 -3.96 -16.97
CA LYS A 163 9.64 -4.52 -16.53
C LYS A 163 9.44 -5.21 -15.19
N ASN A 164 10.37 -6.11 -14.87
CA ASN A 164 10.34 -6.79 -13.59
C ASN A 164 11.21 -6.03 -12.61
N VAL A 165 10.70 -5.78 -11.41
CA VAL A 165 11.40 -5.01 -10.39
C VAL A 165 11.32 -5.77 -9.07
N VAL A 166 12.43 -5.84 -8.36
CA VAL A 166 12.45 -6.45 -7.04
C VAL A 166 12.85 -5.38 -6.04
N VAL A 167 12.04 -5.23 -4.99
CA VAL A 167 12.35 -4.38 -3.85
C VAL A 167 12.70 -5.27 -2.66
N ALA A 168 13.88 -5.04 -2.07
CA ALA A 168 14.28 -5.72 -0.84
C ALA A 168 13.97 -4.78 0.32
N GLY A 169 13.00 -5.15 1.15
CA GLY A 169 12.61 -4.25 2.23
C GLY A 169 11.15 -3.85 2.08
N ARG A 170 10.45 -3.69 3.21
CA ARG A 170 9.02 -3.45 3.16
C ARG A 170 8.59 -2.43 4.18
N SER A 171 9.54 -1.67 4.72
CA SER A 171 9.20 -0.63 5.69
C SER A 171 8.23 0.38 5.09
N LYS A 172 7.36 0.88 5.95
CA LYS A 172 6.31 1.79 5.50
C LYS A 172 6.87 3.11 4.97
N ASN A 173 8.03 3.53 5.47
CA ASN A 173 8.58 4.80 5.00
C ASN A 173 9.43 4.66 3.73
N VAL A 174 9.97 3.46 3.43
CA VAL A 174 10.87 3.32 2.28
C VAL A 174 10.44 2.22 1.29
N GLY A 175 10.49 0.96 1.70
CA GLY A 175 10.31 -0.11 0.73
C GLY A 175 8.90 -0.19 0.19
N MET A 176 7.89 -0.01 1.06
CA MET A 176 6.51 -0.11 0.59
C MET A 176 6.16 1.02 -0.37
N PRO A 177 6.39 2.30 -0.05
CA PRO A 177 6.10 3.35 -1.06
C PRO A 177 6.84 3.14 -2.38
N ILE A 178 8.09 2.67 -2.35
CA ILE A 178 8.82 2.45 -3.59
C ILE A 178 8.11 1.42 -4.45
N ALA A 179 7.66 0.32 -3.83
CA ALA A 179 6.96 -0.74 -4.55
C ALA A 179 5.58 -0.28 -4.99
N MET A 180 4.90 0.52 -4.18
CA MET A 180 3.64 1.11 -4.62
C MET A 180 3.85 2.03 -5.85
N LEU A 181 4.84 2.92 -5.81
CA LEU A 181 5.02 3.82 -6.96
C LEU A 181 5.37 3.04 -8.22
N LEU A 182 6.25 2.04 -8.10
CA LEU A 182 6.75 1.39 -9.29
C LEU A 182 5.68 0.52 -9.97
N HIS A 183 4.80 -0.14 -9.21
CA HIS A 183 3.88 -1.09 -9.85
C HIS A 183 2.58 -0.45 -10.33
N THR A 184 2.33 0.82 -10.06
CA THR A 184 0.99 1.36 -10.31
C THR A 184 0.86 2.01 -11.67
N ASP A 185 -0.36 2.40 -11.98
CA ASP A 185 -0.75 2.74 -13.34
C ASP A 185 -0.18 4.09 -13.78
N GLY A 186 0.40 4.12 -14.97
CA GLY A 186 0.88 5.38 -15.52
C GLY A 186 -0.23 6.40 -15.78
N ALA A 187 -1.48 5.95 -15.84
CA ALA A 187 -2.56 6.83 -16.25
C ALA A 187 -3.32 7.47 -15.09
N HIS A 188 -3.00 7.13 -13.83
CA HIS A 188 -3.72 7.70 -12.70
C HIS A 188 -3.22 9.11 -12.36
N GLU A 189 -3.98 9.80 -11.50
CA GLU A 189 -3.61 11.12 -11.01
C GLU A 189 -2.12 11.24 -10.69
N ARG A 190 -1.63 10.45 -9.75
CA ARG A 190 -0.21 10.34 -9.52
C ARG A 190 0.27 9.11 -10.27
N PRO A 191 1.01 9.27 -11.38
CA PRO A 191 1.33 8.11 -12.22
C PRO A 191 2.26 7.15 -11.50
N GLY A 192 2.21 5.88 -11.91
CA GLY A 192 3.14 4.88 -11.43
C GLY A 192 4.01 4.36 -12.57
N GLY A 193 4.90 3.42 -12.21
CA GLY A 193 5.84 2.87 -13.16
C GLY A 193 5.36 1.70 -14.02
N ASP A 194 4.18 1.14 -13.72
CA ASP A 194 3.63 0.03 -14.49
C ASP A 194 4.58 -1.15 -14.57
N ALA A 195 5.38 -1.36 -13.53
CA ALA A 195 6.28 -2.51 -13.49
C ALA A 195 5.64 -3.70 -12.77
N THR A 196 6.30 -4.84 -12.90
CA THR A 196 5.94 -6.05 -12.20
C THR A 196 6.86 -6.15 -10.99
N VAL A 197 6.30 -6.02 -9.79
CA VAL A 197 7.10 -5.73 -8.61
C VAL A 197 7.00 -6.89 -7.63
N THR A 198 8.15 -7.34 -7.14
CA THR A 198 8.26 -8.35 -6.10
C THR A 198 8.77 -7.67 -4.84
N ILE A 199 8.03 -7.82 -3.74
CA ILE A 199 8.45 -7.27 -2.45
C ILE A 199 9.01 -8.40 -1.60
N SER A 200 10.30 -8.30 -1.27
CA SER A 200 10.93 -9.23 -0.35
C SER A 200 11.26 -8.52 0.95
N HIS A 201 11.56 -9.31 1.96
CA HIS A 201 11.72 -8.78 3.30
C HIS A 201 12.51 -9.79 4.12
N ARG A 202 12.49 -9.61 5.43
CA ARG A 202 13.36 -10.35 6.35
C ARG A 202 13.08 -11.85 6.40
N TYR A 203 11.92 -12.33 5.94
CA TYR A 203 11.63 -13.76 5.93
C TYR A 203 11.69 -14.34 4.53
N THR A 204 12.21 -13.58 3.57
CA THR A 204 12.41 -14.12 2.23
C THR A 204 13.69 -14.93 2.24
N PRO A 205 13.66 -16.23 1.91
CA PRO A 205 14.90 -17.02 2.00
C PRO A 205 15.87 -16.59 0.91
N LYS A 206 17.13 -16.38 1.30
CA LYS A 206 18.10 -15.77 0.38
C LYS A 206 18.10 -16.45 -0.97
N GLU A 207 17.90 -17.77 -1.03
CA GLU A 207 17.89 -18.41 -2.34
C GLU A 207 16.64 -18.04 -3.12
N GLN A 208 15.52 -17.79 -2.45
CA GLN A 208 14.33 -17.36 -3.18
C GLN A 208 14.48 -15.91 -3.67
N LEU A 209 15.06 -15.03 -2.85
CA LEU A 209 15.35 -13.67 -3.32
C LEU A 209 16.13 -13.71 -4.64
N LYS A 210 17.18 -14.54 -4.67
CA LYS A 210 18.00 -14.70 -5.87
C LYS A 210 17.18 -15.16 -7.06
N LYS A 211 16.22 -16.06 -6.85
CA LYS A 211 15.44 -16.57 -7.97
C LYS A 211 14.50 -15.51 -8.54
N HIS A 212 14.31 -14.39 -7.84
CA HIS A 212 13.52 -13.27 -8.36
C HIS A 212 14.40 -12.18 -8.98
N THR A 213 15.49 -11.81 -8.30
CA THR A 213 16.39 -10.79 -8.80
C THR A 213 16.94 -11.13 -10.18
N ILE A 214 17.13 -12.41 -10.48
CA ILE A 214 17.68 -12.80 -11.78
C ILE A 214 16.72 -12.46 -12.91
N LEU A 215 15.41 -12.42 -12.64
CA LEU A 215 14.49 -11.96 -13.67
C LEU A 215 14.39 -10.45 -13.75
N ALA A 216 15.10 -9.72 -12.88
CA ALA A 216 14.79 -8.32 -12.62
C ALA A 216 15.58 -7.40 -13.54
N ASP A 217 14.87 -6.46 -14.17
CA ASP A 217 15.48 -5.37 -14.90
C ASP A 217 15.87 -4.21 -14.00
N ILE A 218 15.28 -4.13 -12.81
CA ILE A 218 15.64 -3.16 -11.78
C ILE A 218 15.62 -3.87 -10.44
N VAL A 219 16.68 -3.72 -9.65
CA VAL A 219 16.71 -4.21 -8.28
C VAL A 219 16.93 -3.02 -7.37
N ILE A 220 16.12 -2.93 -6.31
CA ILE A 220 16.20 -1.83 -5.37
C ILE A 220 16.28 -2.43 -3.97
N SER A 221 17.34 -2.10 -3.25
CA SER A 221 17.63 -2.74 -1.99
C SER A 221 17.52 -1.72 -0.88
N ALA A 222 16.51 -1.88 -0.03
CA ALA A 222 16.29 -1.03 1.13
C ALA A 222 16.20 -1.88 2.38
N ALA A 223 17.11 -2.84 2.50
CA ALA A 223 17.09 -3.78 3.61
C ALA A 223 18.06 -3.41 4.73
N GLY A 224 19.17 -2.77 4.43
CA GLY A 224 20.13 -2.49 5.48
C GLY A 224 21.00 -3.69 5.83
N ILE A 225 21.49 -4.40 4.82
CA ILE A 225 22.26 -5.64 4.97
C ILE A 225 23.48 -5.54 4.05
N PRO A 226 24.69 -5.39 4.60
CA PRO A 226 25.88 -5.34 3.74
C PRO A 226 26.00 -6.59 2.89
N ASN A 227 26.31 -6.40 1.61
CA ASN A 227 26.52 -7.50 0.67
C ASN A 227 25.26 -8.35 0.50
N LEU A 228 24.09 -7.78 0.75
CA LEU A 228 22.87 -8.51 0.44
C LEU A 228 22.76 -8.82 -1.04
N ILE A 229 23.07 -7.84 -1.89
CA ILE A 229 22.91 -7.98 -3.32
C ILE A 229 24.29 -8.20 -3.93
N THR A 230 24.49 -9.35 -4.57
CA THR A 230 25.77 -9.71 -5.14
C THR A 230 25.61 -10.07 -6.61
N ALA A 231 26.73 -9.98 -7.33
CA ALA A 231 26.71 -9.92 -8.78
C ALA A 231 26.02 -11.12 -9.43
N ASP A 232 26.00 -12.27 -8.76
CA ASP A 232 25.33 -13.47 -9.28
C ASP A 232 23.82 -13.42 -9.14
N MET A 233 23.30 -12.54 -8.28
CA MET A 233 21.86 -12.37 -8.18
C MET A 233 21.32 -11.46 -9.28
N ILE A 234 22.18 -10.70 -9.94
CA ILE A 234 21.78 -9.66 -10.87
C ILE A 234 21.90 -10.19 -12.28
N LYS A 235 20.92 -9.89 -13.12
CA LYS A 235 21.05 -10.27 -14.52
C LYS A 235 21.83 -9.18 -15.26
N GLU A 236 22.30 -9.51 -16.45
CA GLU A 236 23.25 -8.65 -17.15
C GLU A 236 22.58 -7.40 -17.70
N GLY A 237 23.16 -6.24 -17.41
CA GLY A 237 22.64 -4.96 -17.86
C GLY A 237 21.59 -4.31 -16.97
N ALA A 238 21.16 -4.97 -15.89
CA ALA A 238 20.11 -4.47 -15.01
C ALA A 238 20.55 -3.20 -14.28
N ALA A 239 19.55 -2.49 -13.74
CA ALA A 239 19.77 -1.33 -12.88
C ALA A 239 19.65 -1.74 -11.42
N VAL A 240 20.62 -1.33 -10.60
CA VAL A 240 20.65 -1.69 -9.20
C VAL A 240 20.79 -0.41 -8.38
N ILE A 241 19.78 -0.12 -7.55
CA ILE A 241 19.70 1.12 -6.79
C ILE A 241 19.84 0.79 -5.31
N ASP A 242 20.83 1.36 -4.66
CA ASP A 242 21.16 0.97 -3.29
C ASP A 242 20.60 1.99 -2.32
N VAL A 243 19.46 1.65 -1.71
CA VAL A 243 18.88 2.54 -0.71
C VAL A 243 19.57 2.41 0.65
N GLY A 244 20.23 1.29 0.93
CA GLY A 244 20.75 1.06 2.27
C GLY A 244 21.96 1.92 2.60
N ILE A 245 22.14 2.17 3.89
CA ILE A 245 23.33 2.86 4.38
C ILE A 245 23.80 2.20 5.67
N ASN A 246 24.80 1.32 5.56
CA ASN A 246 25.28 0.49 6.66
C ASN A 246 26.70 0.89 7.09
N ARG A 247 26.93 0.99 8.41
CA ARG A 247 28.25 1.28 8.98
C ARG A 247 29.00 -0.03 9.19
N VAL A 248 30.07 -0.28 8.43
CA VAL A 248 30.80 -1.54 8.49
C VAL A 248 32.31 -1.36 8.61
N LYS A 255 38.27 -0.14 11.24
CA LYS A 255 38.09 1.28 10.95
C LYS A 255 36.68 1.53 10.35
N PRO A 256 35.97 2.54 10.86
CA PRO A 256 34.57 2.74 10.49
C PRO A 256 34.40 3.21 9.04
N LYS A 257 33.52 2.52 8.31
CA LYS A 257 33.29 2.74 6.88
C LYS A 257 31.78 2.66 6.62
N LEU A 258 31.34 3.24 5.49
CA LEU A 258 29.92 3.23 5.11
C LEU A 258 29.76 2.50 3.78
N VAL A 259 28.86 1.53 3.74
CA VAL A 259 28.59 0.77 2.54
C VAL A 259 27.08 0.68 2.34
N GLY A 260 26.69 0.09 1.21
CA GLY A 260 25.30 -0.14 0.92
C GLY A 260 24.88 -1.57 1.16
N ASP A 261 23.68 -1.89 0.68
CA ASP A 261 23.25 -3.29 0.62
C ASP A 261 23.90 -4.03 -0.52
N VAL A 262 24.40 -3.31 -1.52
CA VAL A 262 24.90 -3.92 -2.75
C VAL A 262 26.39 -4.14 -2.63
N ASP A 263 26.85 -5.25 -3.20
CA ASP A 263 28.27 -5.47 -3.37
C ASP A 263 28.75 -4.57 -4.50
N PHE A 264 29.18 -3.34 -4.16
CA PHE A 264 29.37 -2.34 -5.21
C PHE A 264 30.36 -2.84 -6.25
N GLU A 265 31.53 -3.30 -5.81
CA GLU A 265 32.58 -3.65 -6.77
C GLU A 265 32.18 -4.82 -7.63
N GLY A 266 31.54 -5.82 -7.03
CA GLY A 266 31.16 -7.00 -7.79
C GLY A 266 30.01 -6.74 -8.73
N VAL A 267 28.98 -6.06 -8.25
CA VAL A 267 27.79 -5.83 -9.07
C VAL A 267 28.11 -4.87 -10.21
N ARG A 268 29.04 -3.95 -9.97
CA ARG A 268 29.62 -3.01 -10.91
C ARG A 268 29.92 -3.65 -12.27
N GLN A 269 30.21 -4.95 -12.25
CA GLN A 269 30.69 -5.67 -13.43
C GLN A 269 29.59 -6.29 -14.26
N LYS A 270 28.40 -6.52 -13.69
CA LYS A 270 27.29 -7.11 -14.43
C LYS A 270 26.10 -6.18 -14.58
N ALA A 271 25.95 -5.19 -13.71
CA ALA A 271 24.84 -4.26 -13.82
C ALA A 271 25.06 -3.31 -15.01
N GLY A 272 23.94 -2.85 -15.59
CA GLY A 272 24.03 -1.73 -16.50
C GLY A 272 24.13 -0.38 -15.81
N TYR A 273 23.51 -0.24 -14.63
CA TYR A 273 23.54 0.99 -13.84
C TYR A 273 23.66 0.62 -12.38
N ILE A 274 24.08 1.59 -11.58
CA ILE A 274 24.26 1.32 -10.16
C ILE A 274 24.42 2.64 -9.43
N THR A 275 23.83 2.74 -8.18
CA THR A 275 24.14 3.94 -7.40
C THR A 275 25.21 3.61 -6.38
N PRO A 276 26.06 4.55 -6.05
CA PRO A 276 27.04 4.33 -4.98
C PRO A 276 26.43 4.65 -3.62
N VAL A 277 27.09 4.11 -2.60
CA VAL A 277 26.85 4.48 -1.22
C VAL A 277 28.21 4.83 -0.64
N PRO A 278 28.40 6.04 -0.10
CA PRO A 278 27.48 7.18 -0.11
C PRO A 278 27.33 7.86 -1.48
N GLY A 279 26.68 9.03 -1.55
CA GLY A 279 26.57 9.76 -2.79
C GLY A 279 25.57 9.22 -3.78
N GLY A 280 24.69 8.30 -3.35
CA GLY A 280 23.65 7.72 -4.18
C GLY A 280 22.25 8.21 -3.82
N VAL A 281 21.45 7.35 -3.20
CA VAL A 281 20.07 7.69 -2.87
C VAL A 281 20.01 8.78 -1.80
N GLY A 282 20.92 8.74 -0.83
CA GLY A 282 20.95 9.70 0.26
C GLY A 282 20.75 11.16 -0.16
N PRO A 283 21.68 11.71 -0.96
CA PRO A 283 21.48 13.11 -1.41
C PRO A 283 20.19 13.33 -2.19
N MET A 284 19.71 12.32 -2.93
CA MET A 284 18.41 12.45 -3.59
C MET A 284 17.27 12.60 -2.60
N THR A 285 17.36 11.94 -1.43
CA THR A 285 16.34 12.11 -0.40
C THR A 285 16.24 13.55 0.02
N VAL A 286 17.39 14.18 0.23
CA VAL A 286 17.41 15.56 0.71
C VAL A 286 16.86 16.50 -0.36
N ALA A 287 17.14 16.22 -1.64
CA ALA A 287 16.67 17.08 -2.73
C ALA A 287 15.15 17.05 -2.85
N MET A 288 14.53 15.84 -2.82
CA MET A 288 13.08 15.75 -2.96
C MET A 288 12.35 16.37 -1.77
N LEU A 289 12.99 16.40 -0.62
CA LEU A 289 12.40 17.11 0.51
C LEU A 289 12.36 18.60 0.25
N MET A 290 13.38 19.16 -0.40
CA MET A 290 13.32 20.56 -0.83
C MET A 290 12.19 20.79 -1.83
N LYS A 291 11.99 19.86 -2.78
CA LYS A 291 10.83 20.01 -3.68
C LYS A 291 9.52 20.01 -2.92
N ASN A 292 9.36 19.09 -1.92
CA ASN A 292 8.10 19.01 -1.18
C ASN A 292 7.86 20.25 -0.35
N THR A 293 8.93 20.87 0.15
CA THR A 293 8.77 22.07 0.97
C THR A 293 8.32 23.26 0.13
N ILE A 294 8.85 23.43 -1.08
CA ILE A 294 8.31 24.53 -1.89
C ILE A 294 6.88 24.20 -2.31
N ILE A 295 6.57 22.92 -2.55
CA ILE A 295 5.20 22.53 -2.85
C ILE A 295 4.28 22.89 -1.70
N ALA A 296 4.70 22.60 -0.46
CA ALA A 296 3.86 22.89 0.70
C ALA A 296 3.69 24.39 0.91
N ALA A 297 4.78 25.17 0.78
CA ALA A 297 4.69 26.63 0.91
C ALA A 297 3.67 27.23 -0.05
N LYS A 298 3.55 26.65 -1.24
CA LYS A 298 2.60 27.15 -2.22
C LYS A 298 1.19 26.66 -1.98
N LYS A 299 0.97 25.81 -0.99
CA LYS A 299 -0.37 25.31 -0.67
C LYS A 299 -1.06 24.78 -1.93
N VAL A 300 -0.33 23.93 -2.68
CA VAL A 300 -0.82 23.40 -3.95
C VAL A 300 -1.74 22.19 -3.76
N LEU A 301 -1.59 21.44 -2.67
CA LEU A 301 -2.48 20.30 -2.39
C LEU A 301 -3.50 20.65 -1.31
N GLU B 5 -4.32 -35.59 -6.83
CA GLU B 5 -5.36 -34.67 -7.29
C GLU B 5 -5.58 -33.50 -6.31
N ALA B 6 -6.05 -32.34 -6.80
CA ALA B 6 -6.08 -31.11 -6.02
C ALA B 6 -7.32 -31.01 -5.12
N VAL B 7 -7.09 -30.76 -3.83
CA VAL B 7 -8.19 -30.44 -2.92
C VAL B 7 -8.93 -29.21 -3.42
N VAL B 8 -10.24 -29.35 -3.64
CA VAL B 8 -11.07 -28.24 -4.09
C VAL B 8 -11.63 -27.58 -2.83
N ILE B 9 -11.02 -26.45 -2.43
CA ILE B 9 -11.43 -25.78 -1.21
C ILE B 9 -12.84 -25.26 -1.38
N SER B 10 -13.71 -25.57 -0.42
CA SER B 10 -15.12 -25.21 -0.48
C SER B 10 -15.30 -23.83 0.14
N GLY B 11 -15.50 -22.82 -0.70
CA GLY B 11 -15.78 -21.49 -0.19
C GLY B 11 -17.10 -21.41 0.54
N ARG B 12 -18.09 -22.21 0.11
CA ARG B 12 -19.38 -22.18 0.77
C ARG B 12 -19.29 -22.71 2.20
N LYS B 13 -18.55 -23.80 2.42
CA LYS B 13 -18.45 -24.38 3.77
C LYS B 13 -17.67 -23.46 4.71
N LEU B 14 -16.57 -22.86 4.24
CA LEU B 14 -15.82 -21.93 5.09
C LEU B 14 -16.67 -20.74 5.51
N ALA B 15 -17.40 -20.15 4.57
CA ALA B 15 -18.23 -19.00 4.93
C ALA B 15 -19.33 -19.39 5.91
N GLN B 16 -19.82 -20.63 5.81
CA GLN B 16 -20.77 -21.17 6.77
C GLN B 16 -20.22 -21.09 8.18
N GLN B 17 -18.99 -21.54 8.39
CA GLN B 17 -18.40 -21.46 9.72
C GLN B 17 -18.22 -20.02 10.18
N ILE B 18 -17.66 -19.16 9.31
CA ILE B 18 -17.43 -17.77 9.71
C ILE B 18 -18.76 -17.11 10.09
N LYS B 19 -19.78 -17.28 9.26
CA LYS B 19 -21.10 -16.75 9.58
C LYS B 19 -21.61 -17.33 10.89
N GLN B 20 -21.31 -18.60 11.18
CA GLN B 20 -21.73 -19.16 12.45
C GLN B 20 -21.02 -18.46 13.61
N GLU B 21 -19.73 -18.18 13.46
CA GLU B 21 -19.06 -17.36 14.48
C GLU B 21 -19.75 -16.03 14.65
N VAL B 22 -20.16 -15.38 13.55
CA VAL B 22 -20.72 -14.03 13.64
C VAL B 22 -22.06 -14.05 14.35
N ARG B 23 -22.93 -14.98 13.96
CA ARG B 23 -24.25 -15.03 14.56
C ARG B 23 -24.18 -15.37 16.05
N GLN B 24 -23.07 -15.94 16.50
CA GLN B 24 -22.89 -16.18 17.93
C GLN B 24 -22.38 -14.93 18.63
N GLU B 25 -21.40 -14.27 18.04
CA GLU B 25 -20.89 -13.02 18.58
C GLU B 25 -22.00 -11.97 18.63
N VAL B 26 -22.82 -11.91 17.58
CA VAL B 26 -23.95 -10.98 17.57
C VAL B 26 -24.93 -11.32 18.68
N GLU B 27 -25.24 -12.60 18.85
CA GLU B 27 -26.23 -12.92 19.87
C GLU B 27 -25.71 -12.68 21.27
N GLU B 28 -24.42 -12.89 21.53
CA GLU B 28 -23.87 -12.54 22.84
C GLU B 28 -23.95 -11.04 23.09
N TRP B 29 -23.63 -10.27 22.05
CA TRP B 29 -23.69 -8.82 22.10
C TRP B 29 -25.11 -8.32 22.37
N VAL B 30 -26.10 -8.87 21.66
CA VAL B 30 -27.47 -8.46 21.91
C VAL B 30 -27.92 -8.91 23.30
N ALA B 31 -27.57 -10.13 23.68
CA ALA B 31 -28.03 -10.66 24.96
C ALA B 31 -27.54 -9.80 26.12
N SER B 32 -26.32 -9.28 26.00
CA SER B 32 -25.78 -8.48 27.09
C SER B 32 -26.26 -7.03 27.04
N GLY B 33 -27.35 -6.73 26.33
CA GLY B 33 -28.03 -5.45 26.46
C GLY B 33 -27.88 -4.49 25.29
N ASN B 34 -27.03 -4.76 24.31
CA ASN B 34 -26.71 -3.79 23.27
C ASN B 34 -27.70 -3.86 22.10
N LYS B 35 -27.73 -2.77 21.33
CA LYS B 35 -28.55 -2.71 20.13
C LYS B 35 -28.17 -3.80 19.13
N ARG B 36 -29.17 -4.37 18.48
CA ARG B 36 -28.89 -5.31 17.40
C ARG B 36 -28.19 -4.58 16.26
N PRO B 37 -27.14 -5.15 15.67
CA PRO B 37 -26.44 -4.46 14.57
C PRO B 37 -27.33 -4.25 13.35
N HIS B 38 -27.13 -3.12 12.68
CA HIS B 38 -27.88 -2.77 11.48
C HIS B 38 -26.91 -2.37 10.37
N LEU B 39 -27.08 -2.96 9.19
CA LEU B 39 -26.28 -2.67 8.01
C LEU B 39 -27.17 -2.06 6.93
N SER B 40 -26.80 -0.88 6.45
CA SER B 40 -27.47 -0.27 5.30
C SER B 40 -26.61 -0.43 4.05
N VAL B 41 -27.24 -0.87 2.96
CA VAL B 41 -26.59 -1.02 1.66
C VAL B 41 -27.27 -0.06 0.69
N ILE B 42 -26.51 0.82 0.07
CA ILE B 42 -27.03 1.67 -1.01
C ILE B 42 -26.67 1.03 -2.35
N LEU B 43 -27.67 0.87 -3.19
CA LEU B 43 -27.51 0.23 -4.49
C LEU B 43 -28.01 1.18 -5.56
N VAL B 44 -27.20 1.42 -6.60
CA VAL B 44 -27.53 2.39 -7.65
C VAL B 44 -27.68 1.65 -8.98
N GLY B 45 -28.84 1.83 -9.63
CA GLY B 45 -29.01 1.26 -10.94
C GLY B 45 -29.32 -0.23 -10.94
N GLU B 46 -29.08 -0.86 -12.10
CA GLU B 46 -29.65 -2.16 -12.41
C GLU B 46 -28.60 -3.15 -12.94
N ASN B 47 -27.35 -3.02 -12.51
CA ASN B 47 -26.36 -4.03 -12.83
C ASN B 47 -26.80 -5.38 -12.25
N PRO B 48 -27.12 -6.38 -13.08
CA PRO B 48 -27.66 -7.64 -12.54
C PRO B 48 -26.71 -8.33 -11.56
N ALA B 49 -25.40 -8.21 -11.76
CA ALA B 49 -24.48 -8.81 -10.80
C ALA B 49 -24.49 -8.06 -9.47
N SER B 50 -24.64 -6.73 -9.53
CA SER B 50 -24.70 -5.94 -8.31
C SER B 50 -25.90 -6.33 -7.46
N HIS B 51 -27.09 -6.36 -8.06
CA HIS B 51 -28.29 -6.72 -7.32
C HIS B 51 -28.15 -8.13 -6.75
N SER B 52 -27.60 -9.04 -7.52
CA SER B 52 -27.43 -10.41 -7.06
C SER B 52 -26.49 -10.45 -5.85
N TYR B 53 -25.38 -9.69 -5.89
CA TYR B 53 -24.42 -9.73 -4.80
C TYR B 53 -24.92 -8.99 -3.58
N VAL B 54 -25.70 -7.93 -3.77
CA VAL B 54 -26.30 -7.24 -2.62
C VAL B 54 -27.34 -8.13 -1.95
N LEU B 55 -28.10 -8.90 -2.74
CA LEU B 55 -29.07 -9.84 -2.16
C LEU B 55 -28.37 -10.92 -1.33
N ASN B 56 -27.25 -11.46 -1.82
CA ASN B 56 -26.49 -12.40 -1.00
C ASN B 56 -26.11 -11.78 0.33
N LYS B 57 -25.73 -10.49 0.29
CA LYS B 57 -25.23 -9.81 1.48
C LYS B 57 -26.35 -9.59 2.51
N THR B 58 -27.57 -9.29 2.05
CA THR B 58 -28.65 -9.07 2.99
C THR B 58 -29.27 -10.37 3.45
N ARG B 59 -29.27 -11.43 2.63
CA ARG B 59 -29.66 -12.73 3.17
C ARG B 59 -28.71 -13.14 4.28
N ALA B 60 -27.40 -12.97 4.07
CA ALA B 60 -26.44 -13.38 5.08
C ALA B 60 -26.57 -12.56 6.36
N ALA B 61 -26.89 -11.27 6.24
CA ALA B 61 -27.12 -10.45 7.41
C ALA B 61 -28.27 -10.98 8.25
N ALA B 62 -29.36 -11.38 7.61
CA ALA B 62 -30.54 -11.77 8.35
C ALA B 62 -30.32 -13.06 9.12
N VAL B 63 -29.60 -14.02 8.52
CA VAL B 63 -29.40 -15.30 9.21
C VAL B 63 -28.31 -15.22 10.26
N VAL B 64 -27.60 -14.10 10.39
CA VAL B 64 -26.65 -13.97 11.48
C VAL B 64 -27.15 -12.99 12.53
N GLY B 65 -28.41 -12.58 12.45
CA GLY B 65 -28.97 -11.68 13.43
C GLY B 65 -28.73 -10.20 13.19
N ILE B 66 -28.22 -9.81 12.03
CA ILE B 66 -27.97 -8.41 11.72
C ILE B 66 -29.14 -7.87 10.89
N ASN B 67 -29.78 -6.81 11.37
CA ASN B 67 -30.80 -6.13 10.56
C ASN B 67 -30.15 -5.42 9.36
N SER B 68 -30.93 -5.25 8.31
CA SER B 68 -30.40 -4.69 7.09
C SER B 68 -31.51 -4.02 6.31
N GLU B 69 -31.11 -3.06 5.46
CA GLU B 69 -32.00 -2.46 4.48
C GLU B 69 -31.20 -2.16 3.22
N THR B 70 -31.79 -2.39 2.06
CA THR B 70 -31.17 -1.99 0.82
C THR B 70 -31.94 -0.80 0.27
N ILE B 71 -31.25 0.33 0.11
CA ILE B 71 -31.82 1.53 -0.50
C ILE B 71 -31.41 1.49 -1.97
N MET B 72 -32.38 1.24 -2.85
CA MET B 72 -32.12 1.21 -4.27
C MET B 72 -32.52 2.56 -4.86
N LYS B 73 -31.63 3.14 -5.66
CA LYS B 73 -31.83 4.41 -6.33
C LYS B 73 -31.55 4.23 -7.82
N PRO B 74 -32.26 4.98 -8.68
CA PRO B 74 -32.02 4.82 -10.12
C PRO B 74 -30.64 5.33 -10.50
N ALA B 75 -30.11 4.74 -11.59
CA ALA B 75 -28.81 5.09 -12.13
C ALA B 75 -28.71 6.57 -12.54
N SER B 76 -29.85 7.24 -12.75
CA SER B 76 -29.92 8.66 -13.09
C SER B 76 -29.74 9.58 -11.88
N ILE B 77 -29.52 9.02 -10.69
CA ILE B 77 -29.38 9.85 -9.51
C ILE B 77 -28.16 10.74 -9.67
N SER B 78 -28.22 11.94 -9.10
CA SER B 78 -27.09 12.86 -9.13
C SER B 78 -26.14 12.56 -7.98
N GLU B 79 -24.89 12.97 -8.15
CA GLU B 79 -23.90 12.77 -7.10
C GLU B 79 -24.29 13.50 -5.81
N GLU B 80 -24.87 14.70 -5.92
CA GLU B 80 -25.29 15.42 -4.73
C GLU B 80 -26.39 14.68 -3.98
N GLU B 81 -27.31 14.02 -4.70
CA GLU B 81 -28.37 13.30 -4.01
C GLU B 81 -27.80 12.10 -3.26
N LEU B 82 -26.86 11.38 -3.88
CA LEU B 82 -26.21 10.26 -3.20
C LEU B 82 -25.50 10.74 -1.94
N LEU B 83 -24.81 11.88 -2.04
CA LEU B 83 -24.09 12.42 -0.89
C LEU B 83 -25.03 12.93 0.19
N ASN B 84 -26.23 13.38 -0.18
CA ASN B 84 -27.20 13.67 0.86
C ASN B 84 -27.62 12.39 1.57
N LEU B 85 -27.97 11.35 0.79
CA LEU B 85 -28.42 10.09 1.38
C LEU B 85 -27.36 9.49 2.29
N ILE B 86 -26.10 9.49 1.83
CA ILE B 86 -24.98 9.00 2.63
C ILE B 86 -24.88 9.77 3.93
N ASN B 87 -25.03 11.09 3.87
CA ASN B 87 -24.88 11.91 5.07
C ASN B 87 -26.03 11.68 6.06
N LYS B 88 -27.26 11.49 5.55
CA LYS B 88 -28.37 11.14 6.45
C LYS B 88 -28.11 9.82 7.17
N LEU B 89 -27.57 8.82 6.45
CA LEU B 89 -27.28 7.54 7.08
C LEU B 89 -26.11 7.66 8.05
N ASN B 90 -25.12 8.49 7.72
CA ASN B 90 -24.01 8.71 8.66
C ASN B 90 -24.50 9.23 10.00
N ASN B 91 -25.65 9.90 10.02
CA ASN B 91 -26.18 10.51 11.23
C ASN B 91 -27.34 9.73 11.83
N ASP B 92 -27.71 8.60 11.22
CA ASP B 92 -28.75 7.73 11.74
C ASP B 92 -28.11 6.84 12.79
N ASP B 93 -28.46 7.07 14.06
CA ASP B 93 -27.84 6.31 15.15
C ASP B 93 -28.22 4.83 15.11
N ASN B 94 -29.24 4.45 14.36
CA ASN B 94 -29.57 3.03 14.20
C ASN B 94 -28.60 2.31 13.27
N VAL B 95 -27.97 3.02 12.34
CA VAL B 95 -27.14 2.40 11.31
C VAL B 95 -25.72 2.24 11.85
N ASP B 96 -25.22 1.01 11.87
CA ASP B 96 -23.86 0.72 12.30
C ASP B 96 -22.89 0.61 11.14
N GLY B 97 -23.33 -0.02 10.06
CA GLY B 97 -22.52 -0.19 8.88
C GLY B 97 -23.24 0.40 7.69
N LEU B 98 -22.47 1.01 6.80
CA LEU B 98 -23.01 1.64 5.61
C LEU B 98 -22.03 1.35 4.49
N LEU B 99 -22.54 0.81 3.39
CA LEU B 99 -21.71 0.60 2.22
C LEU B 99 -22.51 0.97 0.97
N VAL B 100 -21.78 1.46 -0.02
CA VAL B 100 -22.31 1.83 -1.33
C VAL B 100 -21.78 0.80 -2.31
N GLN B 101 -22.68 0.06 -2.95
CA GLN B 101 -22.24 -0.98 -3.87
C GLN B 101 -21.71 -0.36 -5.16
N LEU B 102 -20.51 -0.84 -5.60
CA LEU B 102 -19.75 -0.52 -6.81
C LEU B 102 -19.98 -1.59 -7.86
N PRO B 103 -19.89 -1.21 -9.15
CA PRO B 103 -19.54 0.12 -9.69
C PRO B 103 -20.70 1.09 -9.62
N LEU B 104 -20.41 2.40 -9.69
CA LEU B 104 -21.32 3.53 -9.73
C LEU B 104 -21.36 4.15 -11.13
N PRO B 105 -22.47 4.79 -11.52
CA PRO B 105 -22.54 5.35 -12.89
C PRO B 105 -21.39 6.30 -13.17
N GLU B 106 -21.03 6.39 -14.47
CA GLU B 106 -19.83 7.12 -14.90
C GLU B 106 -19.79 8.55 -14.39
N HIS B 107 -20.96 9.18 -14.21
CA HIS B 107 -20.98 10.59 -13.86
C HIS B 107 -20.85 10.83 -12.36
N ILE B 108 -20.66 9.79 -11.56
CA ILE B 108 -20.52 9.93 -10.11
C ILE B 108 -19.08 9.59 -9.76
N ASP B 109 -18.43 10.47 -8.99
CA ASP B 109 -17.06 10.20 -8.59
C ASP B 109 -17.04 9.14 -7.48
N GLU B 110 -16.59 7.94 -7.83
CA GLU B 110 -16.59 6.83 -6.89
C GLU B 110 -15.76 7.13 -5.65
N ARG B 111 -14.61 7.79 -5.84
CA ARG B 111 -13.73 8.05 -4.71
C ARG B 111 -14.34 9.08 -3.77
N ARG B 112 -15.06 10.07 -4.32
CA ARG B 112 -15.81 11.02 -3.49
C ARG B 112 -16.86 10.31 -2.66
N ILE B 113 -17.57 9.36 -3.28
CA ILE B 113 -18.62 8.63 -2.57
C ILE B 113 -18.02 7.81 -1.42
N CYS B 114 -16.91 7.11 -1.67
CA CYS B 114 -16.30 6.24 -0.66
C CYS B 114 -15.85 7.04 0.57
N ASN B 115 -15.21 8.19 0.36
CA ASN B 115 -14.74 9.02 1.48
C ASN B 115 -15.88 9.71 2.21
N ALA B 116 -17.09 9.68 1.67
CA ALA B 116 -18.20 10.36 2.32
C ALA B 116 -18.85 9.50 3.38
N VAL B 117 -18.62 8.19 3.37
CA VAL B 117 -19.09 7.33 4.44
C VAL B 117 -18.17 7.53 5.64
N SER B 118 -18.74 7.70 6.83
CA SER B 118 -17.87 7.96 7.98
C SER B 118 -17.08 6.69 8.29
N PRO B 119 -15.79 6.82 8.63
CA PRO B 119 -14.93 5.63 8.71
C PRO B 119 -15.39 4.60 9.72
N ASP B 120 -16.14 5.03 10.73
CA ASP B 120 -16.63 4.10 11.74
C ASP B 120 -17.76 3.23 11.20
N LYS B 121 -18.43 3.67 10.15
CA LYS B 121 -19.47 2.89 9.49
C LYS B 121 -18.98 2.26 8.20
N ASP B 122 -17.70 2.41 7.89
CA ASP B 122 -17.16 2.07 6.57
C ASP B 122 -16.76 0.59 6.54
N VAL B 123 -17.76 -0.28 6.63
CA VAL B 123 -17.54 -1.73 6.67
C VAL B 123 -16.80 -2.24 5.43
N ASP B 124 -16.79 -1.45 4.34
CA ASP B 124 -16.09 -1.85 3.12
C ASP B 124 -14.57 -1.68 3.24
N GLY B 125 -14.11 -0.84 4.17
CA GLY B 125 -12.71 -0.47 4.18
C GLY B 125 -12.27 0.43 3.04
N PHE B 126 -13.19 1.21 2.43
CA PHE B 126 -12.82 1.98 1.25
C PHE B 126 -12.49 3.44 1.54
N HIS B 127 -12.87 3.96 2.70
CA HIS B 127 -12.49 5.32 3.06
C HIS B 127 -10.98 5.46 3.13
N VAL B 128 -10.47 6.62 2.72
CA VAL B 128 -9.01 6.80 2.55
C VAL B 128 -8.28 6.55 3.86
N ILE B 129 -8.87 6.92 4.99
CA ILE B 129 -8.22 6.65 6.27
C ILE B 129 -8.12 5.15 6.52
N ASN B 130 -9.15 4.38 6.13
CA ASN B 130 -9.05 2.93 6.27
C ASN B 130 -8.00 2.38 5.32
N VAL B 131 -7.92 2.92 4.09
CA VAL B 131 -6.89 2.43 3.17
C VAL B 131 -5.49 2.75 3.72
N GLY B 132 -5.29 3.97 4.23
CA GLY B 132 -4.00 4.33 4.79
C GLY B 132 -3.63 3.51 6.01
N ARG B 133 -4.59 3.29 6.92
CA ARG B 133 -4.30 2.47 8.10
C ARG B 133 -3.99 1.03 7.71
N MET B 134 -4.73 0.49 6.75
CA MET B 134 -4.42 -0.84 6.26
C MET B 134 -2.99 -0.90 5.72
N CYS B 135 -2.59 0.11 4.93
CA CYS B 135 -1.27 0.13 4.34
C CYS B 135 -0.17 0.38 5.37
N LEU B 136 -0.51 0.89 6.56
CA LEU B 136 0.45 1.02 7.65
C LEU B 136 0.39 -0.16 8.63
N ASP B 137 -0.34 -1.22 8.28
CA ASP B 137 -0.48 -2.38 9.15
C ASP B 137 -1.14 -1.99 10.47
N GLN B 138 -2.01 -0.98 10.46
CA GLN B 138 -2.78 -0.67 11.66
C GLN B 138 -4.13 -1.38 11.66
N TYR B 139 -4.72 -1.51 12.86
CA TYR B 139 -6.10 -1.96 13.02
C TYR B 139 -7.02 -1.20 12.07
N SER B 140 -7.76 -1.92 11.23
CA SER B 140 -8.66 -1.24 10.32
C SER B 140 -9.81 -2.16 9.94
N MET B 141 -10.84 -1.57 9.34
CA MET B 141 -11.80 -2.36 8.56
C MET B 141 -11.11 -2.80 7.28
N LEU B 142 -10.88 -4.09 7.18
CA LEU B 142 -10.33 -4.73 6.00
C LEU B 142 -11.42 -4.90 4.93
N PRO B 143 -11.10 -4.61 3.68
CA PRO B 143 -12.08 -4.83 2.61
C PRO B 143 -12.41 -6.30 2.48
N ALA B 144 -13.65 -6.60 2.08
CA ALA B 144 -14.21 -7.93 2.32
C ALA B 144 -13.56 -8.99 1.45
N THR B 145 -13.46 -8.74 0.14
CA THR B 145 -12.83 -9.72 -0.74
C THR B 145 -11.38 -10.01 -0.36
N PRO B 146 -10.52 -9.02 -0.09
CA PRO B 146 -9.16 -9.36 0.38
C PRO B 146 -9.13 -10.10 1.71
N TRP B 147 -10.02 -9.76 2.63
CA TRP B 147 -10.05 -10.50 3.88
C TRP B 147 -10.57 -11.92 3.66
N GLY B 148 -11.49 -12.11 2.72
CA GLY B 148 -11.92 -13.46 2.39
C GLY B 148 -10.81 -14.31 1.80
N VAL B 149 -10.01 -13.75 0.87
CA VAL B 149 -8.89 -14.50 0.33
C VAL B 149 -7.94 -14.90 1.44
N TRP B 150 -7.69 -13.97 2.36
CA TRP B 150 -6.79 -14.27 3.47
C TRP B 150 -7.34 -15.40 4.31
N GLU B 151 -8.63 -15.35 4.63
CA GLU B 151 -9.24 -16.37 5.49
C GLU B 151 -9.26 -17.73 4.81
N ILE B 152 -9.47 -17.75 3.49
CA ILE B 152 -9.34 -19.00 2.75
C ILE B 152 -7.98 -19.61 3.01
N ILE B 153 -6.93 -18.80 2.96
CA ILE B 153 -5.58 -19.32 3.13
C ILE B 153 -5.35 -19.77 4.56
N LYS B 154 -5.74 -18.95 5.53
CA LYS B 154 -5.39 -19.25 6.92
C LYS B 154 -6.20 -20.43 7.45
N ARG B 155 -7.49 -20.52 7.10
CA ARG B 155 -8.30 -21.58 7.68
C ARG B 155 -8.03 -22.92 7.01
N THR B 156 -7.58 -22.92 5.76
CA THR B 156 -7.10 -24.14 5.14
C THR B 156 -5.71 -24.54 5.63
N GLY B 157 -5.04 -23.70 6.43
CA GLY B 157 -3.73 -24.06 6.94
C GLY B 157 -2.58 -23.93 5.95
N ILE B 158 -2.78 -23.24 4.83
CA ILE B 158 -1.69 -23.03 3.88
C ILE B 158 -0.71 -22.03 4.46
N PRO B 159 0.56 -22.38 4.63
CA PRO B 159 1.54 -21.41 5.16
C PRO B 159 1.84 -20.31 4.14
N THR B 160 2.24 -19.15 4.66
CA THR B 160 2.62 -18.03 3.81
C THR B 160 3.98 -17.47 4.17
N LEU B 161 4.40 -17.61 5.43
CA LEU B 161 5.66 -17.00 5.87
C LEU B 161 6.81 -17.56 5.07
N GLY B 162 7.50 -16.68 4.34
CA GLY B 162 8.65 -17.10 3.55
C GLY B 162 8.31 -17.76 2.24
N LYS B 163 7.05 -17.78 1.85
CA LYS B 163 6.65 -18.43 0.62
C LYS B 163 6.42 -17.41 -0.50
N ASN B 164 6.53 -17.89 -1.74
CA ASN B 164 6.35 -17.02 -2.89
C ASN B 164 4.87 -16.96 -3.25
N VAL B 165 4.38 -15.75 -3.50
CA VAL B 165 2.99 -15.50 -3.86
C VAL B 165 2.96 -14.57 -5.04
N VAL B 166 2.06 -14.83 -5.98
CA VAL B 166 1.82 -13.95 -7.13
C VAL B 166 0.36 -13.54 -7.13
N VAL B 167 0.10 -12.24 -7.16
CA VAL B 167 -1.24 -11.68 -7.36
C VAL B 167 -1.32 -11.14 -8.78
N ALA B 168 -2.39 -11.48 -9.49
CA ALA B 168 -2.65 -10.95 -10.82
C ALA B 168 -3.74 -9.89 -10.72
N GLY B 169 -3.35 -8.63 -10.89
CA GLY B 169 -4.25 -7.51 -10.74
C GLY B 169 -3.78 -6.58 -9.66
N ARG B 170 -4.08 -5.29 -9.81
CA ARG B 170 -3.62 -4.29 -8.86
C ARG B 170 -4.74 -3.34 -8.46
N SER B 171 -6.00 -3.71 -8.68
CA SER B 171 -7.09 -2.81 -8.35
C SER B 171 -7.07 -2.45 -6.86
N LYS B 172 -7.52 -1.24 -6.56
CA LYS B 172 -7.38 -0.73 -5.20
C LYS B 172 -8.28 -1.45 -4.21
N ASN B 173 -9.32 -2.15 -4.67
CA ASN B 173 -10.25 -2.81 -3.76
C ASN B 173 -9.99 -4.30 -3.62
N VAL B 174 -9.25 -4.92 -4.54
CA VAL B 174 -9.03 -6.35 -4.46
C VAL B 174 -7.55 -6.70 -4.53
N GLY B 175 -6.93 -6.43 -5.69
CA GLY B 175 -5.59 -6.94 -5.90
C GLY B 175 -4.56 -6.29 -4.98
N MET B 176 -4.57 -4.97 -4.89
CA MET B 176 -3.56 -4.29 -4.09
C MET B 176 -3.72 -4.62 -2.61
N PRO B 177 -4.92 -4.55 -2.01
CA PRO B 177 -5.06 -5.00 -0.61
C PRO B 177 -4.67 -6.44 -0.36
N ILE B 178 -4.89 -7.35 -1.32
CA ILE B 178 -4.45 -8.74 -1.13
C ILE B 178 -2.93 -8.79 -1.04
N ALA B 179 -2.27 -8.09 -1.97
CA ALA B 179 -0.81 -8.01 -1.96
C ALA B 179 -0.30 -7.36 -0.68
N MET B 180 -0.96 -6.30 -0.21
CA MET B 180 -0.58 -5.71 1.05
C MET B 180 -0.71 -6.69 2.22
N LEU B 181 -1.85 -7.39 2.33
CA LEU B 181 -2.03 -8.29 3.46
C LEU B 181 -1.01 -9.42 3.44
N LEU B 182 -0.61 -9.89 2.26
CA LEU B 182 0.17 -11.12 2.23
C LEU B 182 1.65 -10.90 2.46
N HIS B 183 2.21 -9.74 2.10
CA HIS B 183 3.65 -9.53 2.29
C HIS B 183 4.01 -8.92 3.64
N THR B 184 3.05 -8.47 4.42
CA THR B 184 3.40 -7.68 5.59
C THR B 184 3.68 -8.53 6.82
N ASP B 185 4.03 -7.84 7.90
CA ASP B 185 4.71 -8.45 9.02
C ASP B 185 3.69 -9.15 9.93
N GLY B 186 3.99 -10.39 10.32
CA GLY B 186 3.09 -11.11 11.19
C GLY B 186 2.93 -10.44 12.53
N ALA B 187 3.93 -9.66 12.96
CA ALA B 187 3.99 -9.11 14.30
C ALA B 187 3.25 -7.79 14.47
N HIS B 188 2.72 -7.20 13.40
CA HIS B 188 2.22 -5.82 13.45
C HIS B 188 0.79 -5.80 13.98
N GLU B 189 0.29 -4.59 14.31
CA GLU B 189 -1.05 -4.46 14.88
C GLU B 189 -2.05 -5.27 14.07
N ARG B 190 -2.05 -5.08 12.76
CA ARG B 190 -2.78 -5.96 11.88
C ARG B 190 -1.80 -6.90 11.22
N PRO B 191 -1.80 -8.19 11.58
CA PRO B 191 -0.81 -9.13 11.08
C PRO B 191 -0.89 -9.29 9.58
N GLY B 192 0.25 -9.61 8.97
CA GLY B 192 0.32 -9.98 7.57
C GLY B 192 0.88 -11.38 7.42
N GLY B 193 0.87 -11.86 6.18
CA GLY B 193 1.32 -13.20 5.86
C GLY B 193 2.82 -13.42 5.68
N ASP B 194 3.65 -12.38 5.73
CA ASP B 194 5.13 -12.51 5.63
C ASP B 194 5.58 -13.27 4.37
N ALA B 195 4.79 -13.26 3.31
CA ALA B 195 5.20 -13.92 2.08
C ALA B 195 6.01 -12.98 1.18
N THR B 196 6.43 -13.53 0.04
CA THR B 196 7.22 -12.84 -0.98
C THR B 196 6.27 -12.65 -2.15
N VAL B 197 5.75 -11.44 -2.30
CA VAL B 197 4.60 -11.20 -3.16
C VAL B 197 5.08 -10.50 -4.42
N THR B 198 4.64 -11.01 -5.57
CA THR B 198 4.83 -10.38 -6.86
C THR B 198 3.48 -9.86 -7.36
N ILE B 199 3.47 -8.61 -7.79
CA ILE B 199 2.27 -7.93 -8.29
C ILE B 199 2.39 -7.79 -9.79
N SER B 200 1.45 -8.35 -10.51
CA SER B 200 1.36 -8.22 -11.95
C SER B 200 0.03 -7.55 -12.29
N HIS B 201 -0.07 -7.07 -13.51
CA HIS B 201 -1.22 -6.29 -13.92
C HIS B 201 -1.25 -6.27 -15.44
N ARG B 202 -2.07 -5.39 -16.00
CA ARG B 202 -2.36 -5.44 -17.43
C ARG B 202 -1.14 -5.20 -18.32
N TYR B 203 -0.05 -4.68 -17.78
CA TYR B 203 1.16 -4.46 -18.57
C TYR B 203 2.23 -5.48 -18.25
N THR B 204 1.87 -6.58 -17.59
CA THR B 204 2.80 -7.68 -17.37
C THR B 204 2.70 -8.64 -18.54
N PRO B 205 3.73 -8.78 -19.37
CA PRO B 205 3.65 -9.73 -20.49
C PRO B 205 3.39 -11.13 -19.97
N LYS B 206 2.56 -11.89 -20.68
CA LYS B 206 2.14 -13.20 -20.18
C LYS B 206 3.36 -14.10 -19.98
N GLU B 207 4.35 -13.98 -20.85
CA GLU B 207 5.60 -14.70 -20.66
C GLU B 207 6.18 -14.43 -19.27
N GLN B 208 6.23 -13.15 -18.85
CA GLN B 208 6.83 -12.81 -17.57
C GLN B 208 5.95 -13.21 -16.40
N LEU B 209 4.63 -13.28 -16.61
CA LEU B 209 3.75 -13.87 -15.60
C LEU B 209 4.11 -15.33 -15.38
N LYS B 210 4.32 -16.08 -16.46
CA LYS B 210 4.63 -17.50 -16.32
C LYS B 210 5.94 -17.71 -15.58
N LYS B 211 6.94 -16.85 -15.83
CA LYS B 211 8.24 -17.03 -15.17
C LYS B 211 8.18 -16.74 -13.68
N HIS B 212 7.17 -15.97 -13.23
CA HIS B 212 7.00 -15.71 -11.80
C HIS B 212 6.05 -16.69 -11.12
N THR B 213 5.07 -17.20 -11.86
CA THR B 213 4.09 -18.10 -11.28
C THR B 213 4.66 -19.51 -11.06
N ILE B 214 5.50 -19.99 -11.98
CA ILE B 214 6.13 -21.30 -11.78
C ILE B 214 6.91 -21.34 -10.48
N LEU B 215 7.35 -20.19 -9.98
CA LEU B 215 7.99 -20.07 -8.67
C LEU B 215 7.01 -19.95 -7.53
N ALA B 216 5.71 -19.78 -7.82
CA ALA B 216 4.74 -19.38 -6.82
C ALA B 216 4.17 -20.59 -6.08
N ASP B 217 4.24 -20.54 -4.76
CA ASP B 217 3.51 -21.45 -3.89
C ASP B 217 2.02 -21.15 -3.84
N ILE B 218 1.62 -19.88 -3.96
CA ILE B 218 0.22 -19.48 -3.99
C ILE B 218 0.03 -18.49 -5.13
N VAL B 219 -0.77 -18.87 -6.12
CA VAL B 219 -1.16 -17.95 -7.17
C VAL B 219 -2.56 -17.46 -6.86
N ILE B 220 -2.70 -16.13 -6.77
CA ILE B 220 -3.96 -15.47 -6.46
C ILE B 220 -4.36 -14.65 -7.68
N SER B 221 -5.48 -14.98 -8.30
CA SER B 221 -5.88 -14.38 -9.56
C SER B 221 -7.07 -13.48 -9.36
N ALA B 222 -6.88 -12.17 -9.57
CA ALA B 222 -7.93 -11.17 -9.37
C ALA B 222 -7.93 -10.19 -10.54
N ALA B 223 -7.86 -10.70 -11.77
CA ALA B 223 -7.80 -9.82 -12.93
C ALA B 223 -9.08 -9.76 -13.74
N GLY B 224 -9.83 -10.86 -13.80
CA GLY B 224 -11.04 -10.86 -14.60
C GLY B 224 -10.84 -11.23 -16.06
N ILE B 225 -9.94 -12.19 -16.30
CA ILE B 225 -9.61 -12.71 -17.61
C ILE B 225 -9.84 -14.22 -17.62
N PRO B 226 -10.74 -14.75 -18.45
CA PRO B 226 -10.93 -16.20 -18.45
C PRO B 226 -9.68 -16.90 -18.96
N ASN B 227 -9.35 -18.01 -18.30
CA ASN B 227 -8.24 -18.89 -18.66
C ASN B 227 -6.87 -18.24 -18.52
N LEU B 228 -6.75 -17.20 -17.69
CA LEU B 228 -5.45 -16.56 -17.49
C LEU B 228 -4.47 -17.51 -16.80
N ILE B 229 -4.95 -18.32 -15.86
CA ILE B 229 -4.09 -19.25 -15.12
C ILE B 229 -4.31 -20.66 -15.69
N THR B 230 -3.25 -21.22 -16.28
CA THR B 230 -3.30 -22.53 -16.91
C THR B 230 -2.17 -23.39 -16.37
N ALA B 231 -2.32 -24.71 -16.55
CA ALA B 231 -1.54 -25.68 -15.79
C ALA B 231 -0.04 -25.54 -16.00
N ASP B 232 0.39 -25.08 -17.18
CA ASP B 232 1.83 -24.93 -17.46
C ASP B 232 2.48 -23.77 -16.70
N MET B 233 1.68 -22.92 -16.04
CA MET B 233 2.20 -21.81 -15.24
C MET B 233 2.31 -22.13 -13.77
N ILE B 234 1.61 -23.15 -13.27
CA ILE B 234 1.62 -23.49 -11.86
C ILE B 234 2.60 -24.64 -11.64
N LYS B 235 3.31 -24.58 -10.53
CA LYS B 235 4.12 -25.71 -10.11
C LYS B 235 3.26 -26.74 -9.38
N GLU B 236 3.79 -27.96 -9.32
CA GLU B 236 3.12 -29.07 -8.65
C GLU B 236 2.84 -28.74 -7.20
N GLY B 237 1.58 -28.95 -6.78
CA GLY B 237 1.18 -28.80 -5.39
C GLY B 237 0.89 -27.40 -4.92
N ALA B 238 1.03 -26.38 -5.75
CA ALA B 238 0.81 -25.01 -5.30
C ALA B 238 -0.68 -24.74 -5.11
N ALA B 239 -0.99 -23.82 -4.18
CA ALA B 239 -2.36 -23.38 -3.96
C ALA B 239 -2.73 -22.30 -4.97
N VAL B 240 -3.88 -22.44 -5.63
CA VAL B 240 -4.38 -21.47 -6.59
C VAL B 240 -5.75 -20.98 -6.12
N ILE B 241 -5.91 -19.66 -6.04
CA ILE B 241 -7.13 -19.04 -5.52
C ILE B 241 -7.67 -18.08 -6.56
N ASP B 242 -8.94 -18.23 -6.90
CA ASP B 242 -9.55 -17.55 -8.05
C ASP B 242 -10.51 -16.47 -7.57
N VAL B 243 -10.06 -15.22 -7.58
CA VAL B 243 -10.93 -14.11 -7.23
C VAL B 243 -11.76 -13.63 -8.42
N GLY B 244 -11.29 -13.85 -9.64
CA GLY B 244 -12.01 -13.35 -10.79
C GLY B 244 -13.30 -14.11 -10.99
N ILE B 245 -14.32 -13.41 -11.46
CA ILE B 245 -15.64 -13.99 -11.72
C ILE B 245 -16.08 -13.50 -13.09
N ASN B 246 -16.17 -14.42 -14.06
CA ASN B 246 -16.31 -14.07 -15.47
C ASN B 246 -17.47 -14.84 -16.09
N ARG B 247 -18.15 -14.19 -17.04
CA ARG B 247 -19.30 -14.79 -17.75
C ARG B 247 -18.89 -15.08 -19.19
N VAL B 248 -18.85 -16.35 -19.57
CA VAL B 248 -18.35 -16.77 -20.90
C VAL B 248 -19.35 -17.60 -21.72
N PRO B 256 -23.50 -19.27 -21.84
CA PRO B 256 -24.30 -18.76 -20.73
C PRO B 256 -23.82 -19.33 -19.39
N LYS B 257 -22.56 -19.09 -19.05
CA LYS B 257 -21.90 -19.80 -17.95
C LYS B 257 -21.02 -18.83 -17.15
N LEU B 258 -20.59 -19.27 -15.97
CA LEU B 258 -19.73 -18.48 -15.09
C LEU B 258 -18.45 -19.26 -14.78
N VAL B 259 -17.31 -18.57 -14.84
CA VAL B 259 -16.02 -19.20 -14.63
C VAL B 259 -15.09 -18.16 -14.00
N GLY B 260 -14.04 -18.65 -13.34
CA GLY B 260 -13.06 -17.79 -12.74
C GLY B 260 -12.04 -17.26 -13.74
N ASP B 261 -10.88 -16.87 -13.20
CA ASP B 261 -9.73 -16.59 -14.05
C ASP B 261 -8.90 -17.82 -14.35
N VAL B 262 -9.00 -18.84 -13.51
CA VAL B 262 -8.23 -20.05 -13.70
C VAL B 262 -8.95 -20.96 -14.69
N ASP B 263 -8.17 -21.80 -15.37
CA ASP B 263 -8.71 -22.92 -16.13
C ASP B 263 -8.87 -24.07 -15.13
N PHE B 264 -10.11 -24.26 -14.66
CA PHE B 264 -10.35 -25.06 -13.46
C PHE B 264 -9.93 -26.52 -13.68
N GLU B 265 -10.41 -27.14 -14.77
CA GLU B 265 -10.17 -28.56 -14.97
C GLU B 265 -8.69 -28.86 -15.12
N GLY B 266 -7.98 -28.08 -15.92
CA GLY B 266 -6.56 -28.34 -16.14
C GLY B 266 -5.73 -28.12 -14.88
N VAL B 267 -5.90 -26.97 -14.23
CA VAL B 267 -5.16 -26.69 -13.02
C VAL B 267 -5.58 -27.62 -11.89
N ARG B 268 -6.79 -28.16 -11.97
CA ARG B 268 -7.25 -29.14 -10.98
C ARG B 268 -6.29 -30.31 -10.87
N GLN B 269 -5.71 -30.73 -12.00
CA GLN B 269 -4.73 -31.80 -11.99
C GLN B 269 -3.39 -31.33 -11.44
N LYS B 270 -2.95 -30.13 -11.85
CA LYS B 270 -1.61 -29.65 -11.58
C LYS B 270 -1.44 -29.20 -10.12
N ALA B 271 -2.46 -28.56 -9.55
CA ALA B 271 -2.33 -27.86 -8.28
C ALA B 271 -2.50 -28.81 -7.08
N GLY B 272 -2.07 -28.32 -5.92
CA GLY B 272 -2.37 -28.95 -4.64
C GLY B 272 -3.72 -28.56 -4.08
N TYR B 273 -4.02 -27.25 -4.08
CA TYR B 273 -5.32 -26.72 -3.70
C TYR B 273 -5.86 -25.88 -4.84
N ILE B 274 -7.16 -25.61 -4.80
CA ILE B 274 -7.79 -24.72 -5.79
C ILE B 274 -9.14 -24.30 -5.23
N THR B 275 -9.64 -23.16 -5.70
CA THR B 275 -10.96 -22.69 -5.31
C THR B 275 -11.85 -22.58 -6.53
N PRO B 276 -13.07 -23.06 -6.44
CA PRO B 276 -13.96 -23.07 -7.61
C PRO B 276 -14.65 -21.74 -7.78
N VAL B 277 -15.24 -21.57 -8.96
CA VAL B 277 -16.07 -20.39 -9.21
C VAL B 277 -17.32 -20.90 -9.93
N PRO B 278 -18.52 -20.62 -9.41
CA PRO B 278 -18.82 -19.94 -8.14
C PRO B 278 -18.50 -20.79 -6.90
N GLY B 279 -19.00 -20.38 -5.74
CA GLY B 279 -18.82 -21.14 -4.53
C GLY B 279 -17.44 -21.06 -3.92
N GLY B 280 -16.59 -20.15 -4.40
CA GLY B 280 -15.25 -20.02 -3.84
C GLY B 280 -15.06 -18.77 -3.00
N VAL B 281 -14.42 -17.75 -3.59
CA VAL B 281 -14.15 -16.50 -2.88
C VAL B 281 -15.45 -15.71 -2.71
N GLY B 282 -16.37 -15.83 -3.66
CA GLY B 282 -17.65 -15.15 -3.59
C GLY B 282 -18.29 -15.16 -2.22
N PRO B 283 -18.68 -16.36 -1.74
CA PRO B 283 -19.35 -16.43 -0.42
C PRO B 283 -18.45 -16.04 0.74
N MET B 284 -17.13 -16.00 0.55
CA MET B 284 -16.24 -15.49 1.59
C MET B 284 -16.32 -13.97 1.69
N THR B 285 -16.53 -13.29 0.56
CA THR B 285 -16.71 -11.85 0.59
C THR B 285 -17.89 -11.48 1.48
N VAL B 286 -19.00 -12.17 1.30
CA VAL B 286 -20.19 -11.93 2.10
C VAL B 286 -19.93 -12.26 3.57
N ALA B 287 -19.21 -13.35 3.83
CA ALA B 287 -18.93 -13.73 5.21
C ALA B 287 -18.10 -12.66 5.92
N MET B 288 -17.02 -12.19 5.29
CA MET B 288 -16.17 -11.23 5.99
C MET B 288 -16.87 -9.88 6.16
N LEU B 289 -17.77 -9.52 5.27
CA LEU B 289 -18.56 -8.31 5.51
C LEU B 289 -19.39 -8.43 6.78
N MET B 290 -19.89 -9.64 7.09
CA MET B 290 -20.61 -9.85 8.35
C MET B 290 -19.71 -9.58 9.55
N LYS B 291 -18.48 -10.12 9.54
CA LYS B 291 -17.52 -9.80 10.59
C LYS B 291 -17.38 -8.29 10.76
N ASN B 292 -17.15 -7.57 9.66
CA ASN B 292 -16.95 -6.14 9.73
C ASN B 292 -18.16 -5.43 10.30
N THR B 293 -19.36 -5.95 10.04
CA THR B 293 -20.53 -5.22 10.54
C THR B 293 -20.60 -5.30 12.06
N ILE B 294 -20.34 -6.47 12.63
CA ILE B 294 -20.38 -6.60 14.09
C ILE B 294 -19.19 -5.86 14.70
N ILE B 295 -18.01 -5.90 14.05
CA ILE B 295 -16.90 -5.04 14.47
C ILE B 295 -17.33 -3.58 14.52
N ALA B 296 -18.06 -3.12 13.50
CA ALA B 296 -18.51 -1.72 13.50
C ALA B 296 -19.54 -1.46 14.59
N ALA B 297 -20.43 -2.42 14.82
CA ALA B 297 -21.43 -2.21 15.86
C ALA B 297 -20.80 -2.08 17.23
N LYS B 298 -19.65 -2.69 17.45
CA LYS B 298 -18.99 -2.63 18.74
C LYS B 298 -18.22 -1.34 18.95
N LYS B 299 -18.07 -0.53 17.90
CA LYS B 299 -17.20 0.64 17.94
C LYS B 299 -15.82 0.27 18.49
N VAL B 300 -15.32 -0.91 18.07
CA VAL B 300 -14.01 -1.37 18.51
C VAL B 300 -12.93 -0.37 18.11
N LEU B 301 -13.15 0.36 17.02
CA LEU B 301 -12.15 1.31 16.51
C LEU B 301 -12.61 2.77 16.58
C11 A1L25 C . 18.28 9.93 4.84
C13 A1L25 C . 19.72 11.84 4.22
C14 A1L25 C . 20.83 10.81 4.02
C15 A1L25 C . 20.62 9.52 4.24
C16 A1L25 C . 19.23 9.05 4.66
C17 A1L25 C . 22.21 11.30 3.57
C24 A1L25 C . 18.91 7.57 4.95
C28 A1L25 C . 25.51 10.65 3.48
C01 A1L25 C . 11.92 11.56 8.63
C03 A1L25 C . 12.91 11.11 6.51
C04 A1L25 C . 13.83 10.21 7.14
C05 A1L25 C . 13.78 10.00 8.47
C08 A1L25 C . 16.07 10.19 6.06
C12 A1L25 C . 18.52 11.42 4.59
C20 A1L25 C . 24.41 10.65 2.41
C25 A1L25 C . 24.69 9.64 1.30
C29 A1L25 C . 25.19 9.79 4.70
C30 A1L25 C . 26.02 10.29 5.90
N02 A1L25 C . 11.97 11.77 7.31
N06 A1L25 C . 12.84 10.66 9.24
N09 A1L25 C . 10.93 12.28 9.41
N10 A1L25 C . 16.99 9.44 5.24
N18 A1L25 C . 23.09 10.34 2.91
N22 A1L25 C . 14.80 9.53 6.33
N23 A1L25 C . 14.74 9.11 9.04
O07 A1L25 C . 16.31 11.27 6.48
O19 A1L25 C . 22.55 12.41 3.77
O21 A1L25 C . 12.97 11.32 5.14
O26 A1L25 C . 23.92 8.65 1.12
O27 A1L25 C . 25.68 9.82 0.52
O31 A1L25 C . 26.38 9.48 6.81
O32 A1L25 C . 26.35 11.50 5.97
PA NAD D . 12.98 -1.99 9.16
O1A NAD D . 13.51 -2.28 10.54
O2A NAD D . 11.58 -2.42 8.82
O5B NAD D . 14.04 -2.59 8.05
C5B NAD D . 13.86 -2.33 6.68
C4B NAD D . 13.47 -3.58 5.89
O4B NAD D . 14.58 -4.48 5.75
C3B NAD D . 12.34 -4.45 6.49
O3B NAD D . 11.29 -4.45 5.55
C2B NAD D . 12.97 -5.83 6.56
O2B NAD D . 12.07 -6.90 6.36
C1B NAD D . 14.01 -5.73 5.47
N9A NAD D . 14.92 -6.86 5.49
C8A NAD D . 15.62 -7.38 6.55
N7A NAD D . 16.31 -8.43 6.22
C5A NAD D . 16.05 -8.65 4.88
C6A NAD D . 16.47 -9.59 3.90
N6A NAD D . 17.30 -10.58 4.17
N1A NAD D . 16.00 -9.49 2.64
C2A NAD D . 15.14 -8.48 2.38
N3A NAD D . 14.69 -7.54 3.18
C4A NAD D . 15.18 -7.67 4.42
O3 NAD D . 13.18 -0.36 8.95
PN NAD D . 14.67 0.29 9.17
O1N NAD D . 15.50 -0.76 9.89
O2N NAD D . 14.64 1.71 9.67
O5D NAD D . 15.16 0.32 7.59
P PO4 E . 9.62 -5.13 8.94
O1 PO4 E . 10.08 -6.49 8.31
O2 PO4 E . 9.60 -3.98 7.84
O3 PO4 E . 8.16 -5.26 9.51
O4 PO4 E . 10.55 -4.74 10.13
C11 A1L25 F . -18.70 -9.92 -4.70
C13 A1L25 F . -20.38 -11.30 -3.57
C14 A1L25 F . -20.20 -12.29 -4.72
C15 A1L25 F . -19.35 -12.06 -5.69
C16 A1L25 F . -18.54 -10.77 -5.69
C17 A1L25 F . -20.98 -13.59 -4.76
C24 A1L25 F . -17.56 -10.50 -6.83
C28 A1L25 F . -21.63 -15.98 -7.04
C01 A1L25 F . -18.70 -2.71 -2.52
C03 A1L25 F . -17.72 -4.84 -2.30
C04 A1L25 F . -17.93 -5.07 -3.70
C05 A1L25 F . -18.52 -4.14 -4.46
C08 A1L25 F . -18.38 -7.46 -4.17
C12 A1L25 F . -19.68 -10.20 -3.56
C20 A1L25 F . -20.85 -15.99 -5.74
C25 A1L25 F . -19.69 -16.98 -5.90
C29 A1L25 F . -23.12 -15.92 -6.71
C30 A1L25 F . -23.84 -15.61 -8.01
N02 A1L25 F . -18.11 -3.63 -1.74
N06 A1L25 F . -18.91 -2.94 -3.89
N09 A1L25 F . -19.10 -1.47 -1.92
N10 A1L25 F . -17.91 -8.71 -4.72
N18 A1L25 F . -20.34 -14.66 -5.51
N22 A1L25 F . -17.50 -6.32 -4.27
N23 A1L25 F . -18.74 -4.37 -5.87
O07 A1L25 F . -19.44 -7.35 -3.67
O19 A1L25 F . -22.02 -13.67 -4.21
O21 A1L25 F . -17.11 -5.80 -1.49
O26 A1L25 F . -18.59 -16.64 -6.45
O27 A1L25 F . -19.82 -18.15 -5.47
O31 A1L25 F . -23.47 -16.17 -9.08
O32 A1L25 F . -24.80 -14.78 -8.02
PA NAD G . -10.47 -3.85 -12.82
O1A NAD G . -11.49 -4.57 -13.68
O2A NAD G . -9.75 -2.63 -13.34
O5B NAD G . -9.31 -4.88 -12.31
C5B NAD G . -8.68 -5.79 -13.16
C4B NAD G . -7.26 -5.88 -12.65
O4B NAD G . -6.61 -6.93 -13.36
C3B NAD G . -6.42 -4.61 -12.89
O3B NAD G . -5.48 -4.51 -11.84
C2B NAD G . -5.71 -4.97 -14.18
O2B NAD G . -4.54 -4.20 -14.42
C1B NAD G . -5.43 -6.44 -13.95
N9A NAD G . -5.07 -7.16 -15.18
C8A NAD G . -5.58 -6.95 -16.42
N7A NAD G . -5.04 -7.74 -17.32
C5A NAD G . -4.11 -8.51 -16.63
C6A NAD G . -3.18 -9.55 -16.96
N6A NAD G . -3.00 -10.04 -18.17
N1A NAD G . -2.42 -10.10 -16.00
C2A NAD G . -2.58 -9.62 -14.76
N3A NAD G . -3.40 -8.67 -14.32
C4A NAD G . -4.14 -8.14 -15.30
O3 NAD G . -11.23 -3.57 -11.37
PN NAD G . -12.05 -4.66 -10.41
O1N NAD G . -13.32 -5.12 -11.11
O2N NAD G . -12.13 -4.19 -8.98
O5D NAD G . -11.06 -5.97 -10.48
C5D NAD G . -11.20 -7.00 -9.52
C4D NAD G . -11.62 -8.30 -10.21
O4D NAD G . -11.80 -9.32 -9.22
C3D NAD G . -12.92 -8.23 -11.03
O3D NAD G . -12.58 -8.21 -12.41
C2D NAD G . -13.66 -9.54 -10.67
O2D NAD G . -13.45 -10.60 -11.58
C1D NAD G . -13.07 -9.88 -9.30
P PO4 H . -5.63 -0.75 -13.42
O1 PO4 H . -4.57 -1.66 -14.15
O2 PO4 H . -4.95 0.64 -13.18
O3 PO4 H . -6.90 -0.56 -14.31
O4 PO4 H . -5.99 -1.43 -12.04
#